data_4RWS
#
_entry.id   4RWS
#
_cell.length_a   82.320
_cell.length_b   121.827
_cell.length_c   189.766
_cell.angle_alpha   90.00
_cell.angle_beta   90.00
_cell.angle_gamma   90.00
#
_symmetry.space_group_name_H-M   'I 2 2 2'
#
loop_
_entity.id
_entity.type
_entity.pdbx_description
1 polymer 'C-X-C chemokine receptor type 4/Endolysin chimeric protein'
2 polymer 'Viral macrophage inflammatory protein 2'
#
loop_
_entity_poly.entity_id
_entity_poly.type
_entity_poly.pdbx_seq_one_letter_code
_entity_poly.pdbx_strand_id
1 'polypeptide(L)'
;DYKDDDDGAPEGISIYTSDNYTEEMGSGDYDSMKEPCFREENANFNKIFLPTIYSIIFLTGIVGNGLVILVMGYQKKLRS
MTDKYRLHLSVADLLFVITLPFWAVDAVANWYFGNFLCKAVHVIYTVNLYSSVWILAFISLDRYLAIVHATNSQRPRKLL
AEKVVYVGVWIPALLLTIPDFIFANVSEADDRYICCRFYPNDLWVVVFQFQHIMVGLILPGIVILSCYCIIISKLSHNIF
EMLRIDEGLRLKIYKDTEGYYTIGIGHLLTKSPSLNAAKSELDKAIGRNTNGVITKDEAEKLFNQDVDAAVRGILRNAKL
KPVYDSLDAVRRAALINMVFQMGETGVAGFTNSLRMLQQKRWDEAAVNLAKSRWYNQTPNRAKRVITTFRTGTWDAYSGS
GHQKRKALKPTVILILAFFACWLPYYIGISIDSFILLEIIKQGCEFENTVHKWISITEALAFFHCCLNPILYAFLGAKFK
TSAQHALTSGRPLEVLFQ
;
A
2 'polypeptide(L)' LGASCHRPDKCCLGYQKRPLPQVLLSSWYPTSQLCSKPGVIFLTKRGRQVCADKSKDWVKKLMQQLPVTARYPYDVPDYA C
#
# COMPACT_ATOMS: atom_id res chain seq x y z
N SER A 32 -36.80 -3.06 -33.61
CA SER A 32 -36.31 -4.16 -32.78
C SER A 32 -35.08 -4.83 -33.44
N MET A 33 -33.86 -4.35 -33.09
CA MET A 33 -32.59 -4.85 -33.65
C MET A 33 -31.50 -4.97 -32.57
N LYS A 34 -30.60 -5.97 -32.72
CA LYS A 34 -29.49 -6.20 -31.77
C LYS A 34 -28.27 -5.40 -32.18
N GLU A 35 -27.72 -4.60 -31.25
CA GLU A 35 -26.57 -3.73 -31.51
C GLU A 35 -25.29 -4.24 -30.87
N PRO A 36 -24.10 -3.89 -31.44
CA PRO A 36 -22.84 -4.29 -30.82
C PRO A 36 -22.48 -3.39 -29.64
N CYS A 37 -21.53 -3.82 -28.80
CA CYS A 37 -21.10 -3.04 -27.65
C CYS A 37 -20.04 -2.02 -28.09
N PHE A 38 -20.47 -0.76 -28.34
CA PHE A 38 -19.63 0.35 -28.77
C PHE A 38 -18.74 0.83 -27.64
N ARG A 39 -17.42 0.97 -27.93
CA ARG A 39 -16.41 1.41 -26.97
C ARG A 39 -16.12 2.92 -27.14
N GLU A 40 -16.92 3.62 -27.97
CA GLU A 40 -16.80 5.05 -28.27
C GLU A 40 -17.10 5.93 -27.04
N GLU A 41 -17.92 5.43 -26.09
CA GLU A 41 -18.28 6.15 -24.86
C GLU A 41 -17.07 6.21 -23.89
N ASN A 42 -16.07 5.32 -24.09
CA ASN A 42 -14.84 5.26 -23.31
C ASN A 42 -13.78 6.19 -23.89
N ALA A 43 -13.85 6.44 -25.21
CA ALA A 43 -12.93 7.29 -25.97
C ALA A 43 -13.03 8.77 -25.58
N ASN A 44 -14.26 9.32 -25.48
CA ASN A 44 -14.49 10.72 -25.13
C ASN A 44 -14.18 10.97 -23.64
N PHE A 45 -14.32 9.93 -22.78
CA PHE A 45 -14.04 9.99 -21.34
C PHE A 45 -12.54 10.29 -21.10
N ASN A 46 -11.67 9.55 -21.80
CA ASN A 46 -10.21 9.67 -21.71
C ASN A 46 -9.73 11.02 -22.25
N LYS A 47 -10.34 11.51 -23.36
CA LYS A 47 -9.98 12.76 -24.05
C LYS A 47 -10.22 14.04 -23.19
N ILE A 48 -10.92 13.93 -22.04
CA ILE A 48 -11.21 15.09 -21.20
C ILE A 48 -10.48 14.99 -19.85
N PHE A 49 -10.58 13.85 -19.15
CA PHE A 49 -10.03 13.66 -17.80
C PHE A 49 -8.53 13.29 -17.78
N LEU A 50 -8.07 12.36 -18.64
CA LEU A 50 -6.69 11.88 -18.61
C LEU A 50 -5.63 12.92 -19.12
N PRO A 51 -5.85 13.88 -20.07
CA PRO A 51 -4.76 14.78 -20.45
C PRO A 51 -4.26 15.67 -19.30
N THR A 52 -5.16 16.05 -18.38
CA THR A 52 -4.84 16.88 -17.21
C THR A 52 -4.05 16.08 -16.18
N ILE A 53 -4.48 14.82 -15.89
CA ILE A 53 -3.86 13.91 -14.91
C ILE A 53 -2.42 13.56 -15.34
N TYR A 54 -2.21 13.20 -16.62
CA TYR A 54 -0.88 12.84 -17.14
C TYR A 54 0.05 14.07 -17.23
N SER A 55 -0.50 15.30 -17.27
CA SER A 55 0.30 16.53 -17.33
C SER A 55 0.83 16.93 -15.95
N ILE A 56 -0.02 16.84 -14.90
CA ILE A 56 0.32 17.20 -13.51
C ILE A 56 1.38 16.22 -12.97
N ILE A 57 1.12 14.90 -13.08
CA ILE A 57 2.00 13.82 -12.60
C ILE A 57 3.36 13.87 -13.35
N PHE A 58 3.38 14.29 -14.63
CA PHE A 58 4.62 14.41 -15.40
C PHE A 58 5.48 15.55 -14.84
N LEU A 59 4.89 16.76 -14.67
CA LEU A 59 5.58 17.95 -14.17
C LEU A 59 6.05 17.78 -12.71
N THR A 60 5.21 17.18 -11.85
CA THR A 60 5.54 16.96 -10.43
C THR A 60 6.62 15.88 -10.28
N GLY A 61 6.58 14.88 -11.15
CA GLY A 61 7.52 13.76 -11.15
C GLY A 61 8.85 14.03 -11.83
N ILE A 62 8.97 15.13 -12.61
CA ILE A 62 10.21 15.46 -13.31
C ILE A 62 10.94 16.61 -12.56
N VAL A 63 10.19 17.58 -12.00
CA VAL A 63 10.75 18.69 -11.23
C VAL A 63 11.15 18.15 -9.85
N GLY A 64 10.26 17.35 -9.26
CA GLY A 64 10.45 16.72 -7.96
C GLY A 64 11.62 15.77 -7.89
N ASN A 65 11.52 14.62 -8.61
CA ASN A 65 12.54 13.58 -8.64
C ASN A 65 13.85 14.06 -9.30
N GLY A 66 13.77 15.08 -10.15
CA GLY A 66 14.92 15.69 -10.80
C GLY A 66 15.85 16.35 -9.81
N LEU A 67 15.26 17.05 -8.82
CA LEU A 67 15.98 17.72 -7.74
C LEU A 67 16.58 16.73 -6.74
N VAL A 68 15.84 15.62 -6.45
CA VAL A 68 16.23 14.57 -5.50
C VAL A 68 17.58 13.94 -5.91
N ILE A 69 17.72 13.49 -7.18
CA ILE A 69 18.94 12.85 -7.71
C ILE A 69 20.14 13.84 -7.65
N LEU A 70 19.91 15.14 -7.93
CA LEU A 70 20.95 16.18 -7.92
C LEU A 70 21.42 16.51 -6.49
N VAL A 71 20.51 16.45 -5.49
CA VAL A 71 20.80 16.76 -4.09
C VAL A 71 21.33 15.50 -3.35
N MET A 72 20.72 14.33 -3.60
CA MET A 72 21.07 13.08 -2.93
C MET A 72 22.41 12.50 -3.44
N GLY A 73 22.44 12.09 -4.71
CA GLY A 73 23.60 11.48 -5.37
C GLY A 73 24.89 12.25 -5.29
N TYR A 74 24.80 13.59 -5.42
CA TYR A 74 25.94 14.50 -5.36
C TYR A 74 25.90 15.27 -4.03
N GLN A 75 26.87 16.20 -3.81
CA GLN A 75 27.07 17.09 -2.66
C GLN A 75 26.68 16.40 -1.32
N SER A 80 22.22 9.78 5.44
CA SER A 80 21.33 8.82 6.08
C SER A 80 21.32 7.48 5.34
N MET A 81 20.80 6.42 6.00
CA MET A 81 20.74 5.05 5.47
C MET A 81 19.55 4.83 4.55
N THR A 82 18.34 5.32 4.93
CA THR A 82 17.11 5.17 4.14
C THR A 82 17.18 6.04 2.87
N ASP A 83 18.00 7.11 2.88
CA ASP A 83 18.22 8.03 1.76
C ASP A 83 18.85 7.32 0.56
N LYS A 84 19.59 6.21 0.80
CA LYS A 84 20.22 5.38 -0.22
C LYS A 84 19.15 4.64 -1.02
N TYR A 85 18.11 4.10 -0.34
CA TYR A 85 16.98 3.41 -0.96
C TYR A 85 16.09 4.40 -1.70
N ARG A 86 15.99 5.64 -1.19
CA ARG A 86 15.21 6.71 -1.80
C ARG A 86 15.91 7.21 -3.08
N LEU A 87 17.24 7.04 -3.19
CA LEU A 87 18.03 7.35 -4.38
C LEU A 87 17.71 6.31 -5.47
N HIS A 88 17.59 5.03 -5.05
CA HIS A 88 17.23 3.89 -5.91
C HIS A 88 15.79 3.99 -6.39
N LEU A 89 14.92 4.60 -5.57
CA LEU A 89 13.50 4.79 -5.85
C LEU A 89 13.29 5.99 -6.77
N SER A 90 13.98 7.13 -6.51
CA SER A 90 13.86 8.36 -7.28
C SER A 90 14.46 8.25 -8.70
N VAL A 91 15.25 7.19 -8.98
CA VAL A 91 15.84 6.98 -10.29
C VAL A 91 14.93 6.00 -11.10
N ALA A 92 14.30 5.02 -10.41
CA ALA A 92 13.40 4.03 -11.00
C ALA A 92 12.09 4.66 -11.45
N ASP A 93 11.56 5.65 -10.68
CA ASP A 93 10.31 6.32 -11.03
C ASP A 93 10.55 7.41 -12.09
N LEU A 94 11.73 8.08 -12.07
CA LEU A 94 12.12 9.13 -13.03
C LEU A 94 12.18 8.56 -14.45
N LEU A 95 12.67 7.32 -14.57
CA LEU A 95 12.78 6.58 -15.83
C LEU A 95 11.38 6.35 -16.43
N PHE A 96 10.35 6.27 -15.57
CA PHE A 96 8.95 6.10 -15.96
C PHE A 96 8.27 7.47 -16.19
N VAL A 97 8.81 8.57 -15.61
CA VAL A 97 8.25 9.92 -15.78
C VAL A 97 8.47 10.38 -17.23
N ILE A 98 9.67 10.13 -17.79
CA ILE A 98 10.02 10.47 -19.18
C ILE A 98 9.27 9.53 -20.17
N THR A 99 8.63 8.47 -19.64
CA THR A 99 7.85 7.46 -20.38
C THR A 99 6.36 7.90 -20.43
N LEU A 100 5.91 8.74 -19.45
CA LEU A 100 4.54 9.26 -19.33
C LEU A 100 4.05 10.03 -20.59
N PRO A 101 4.84 10.90 -21.31
CA PRO A 101 4.27 11.58 -22.50
C PRO A 101 3.73 10.60 -23.55
N PHE A 102 4.30 9.37 -23.62
CA PHE A 102 3.86 8.32 -24.54
C PHE A 102 2.54 7.71 -24.06
N TRP A 103 2.39 7.53 -22.72
CA TRP A 103 1.19 7.00 -22.07
C TRP A 103 -0.02 7.92 -22.28
N ALA A 104 0.21 9.24 -22.28
CA ALA A 104 -0.81 10.28 -22.46
C ALA A 104 -1.40 10.25 -23.89
N VAL A 105 -0.54 10.11 -24.92
CA VAL A 105 -0.92 10.09 -26.34
C VAL A 105 -1.68 8.78 -26.66
N ASP A 106 -1.19 7.62 -26.18
CA ASP A 106 -1.79 6.30 -26.42
C ASP A 106 -3.22 6.21 -25.84
N ALA A 107 -3.45 6.83 -24.67
CA ALA A 107 -4.73 6.80 -23.97
C ALA A 107 -5.80 7.68 -24.65
N VAL A 108 -5.42 8.79 -25.30
CA VAL A 108 -6.42 9.69 -25.91
C VAL A 108 -6.41 9.60 -27.47
N ALA A 109 -5.22 9.55 -28.11
CA ALA A 109 -5.11 9.53 -29.57
C ALA A 109 -4.81 8.11 -30.09
N ASN A 110 -3.61 7.91 -30.69
CA ASN A 110 -3.18 6.65 -31.29
C ASN A 110 -1.68 6.41 -31.04
N TRP A 111 -1.20 5.18 -31.28
CA TRP A 111 0.21 4.83 -31.13
C TRP A 111 0.92 5.08 -32.46
N TYR A 112 1.77 6.13 -32.52
CA TYR A 112 2.50 6.52 -33.74
C TYR A 112 3.98 6.16 -33.69
N PHE A 113 4.54 6.17 -32.47
CA PHE A 113 5.94 6.03 -32.06
C PHE A 113 6.66 4.78 -32.64
N GLY A 114 5.94 3.72 -32.99
CA GLY A 114 6.55 2.53 -33.59
C GLY A 114 6.72 1.31 -32.71
N ASN A 115 7.30 0.24 -33.29
CA ASN A 115 7.51 -1.05 -32.65
C ASN A 115 8.70 -1.06 -31.67
N PHE A 116 9.76 -0.24 -31.92
CA PHE A 116 10.94 -0.17 -31.05
C PHE A 116 10.58 0.51 -29.71
N LEU A 117 9.88 1.65 -29.78
CA LEU A 117 9.43 2.42 -28.62
C LEU A 117 8.40 1.61 -27.82
N CYS A 118 7.63 0.74 -28.51
CA CYS A 118 6.60 -0.13 -27.94
C CYS A 118 7.23 -1.11 -26.94
N LYS A 119 8.39 -1.70 -27.31
CA LYS A 119 9.12 -2.61 -26.43
C LYS A 119 9.81 -1.83 -25.31
N ALA A 120 10.43 -0.67 -25.66
CA ALA A 120 11.16 0.22 -24.76
C ALA A 120 10.29 0.75 -23.61
N VAL A 121 9.03 1.15 -23.91
CA VAL A 121 8.07 1.65 -22.91
C VAL A 121 7.61 0.47 -22.01
N HIS A 122 7.31 -0.70 -22.61
CA HIS A 122 6.87 -1.91 -21.91
C HIS A 122 7.93 -2.44 -20.93
N VAL A 123 9.22 -2.34 -21.28
CA VAL A 123 10.33 -2.81 -20.44
C VAL A 123 10.45 -1.88 -19.21
N ILE A 124 10.48 -0.55 -19.42
CA ILE A 124 10.58 0.48 -18.37
C ILE A 124 9.39 0.34 -17.38
N TYR A 125 8.18 0.04 -17.90
CA TYR A 125 6.97 -0.14 -17.10
C TYR A 125 7.11 -1.38 -16.19
N THR A 126 7.68 -2.49 -16.71
CA THR A 126 7.92 -3.73 -15.96
C THR A 126 8.96 -3.48 -14.86
N VAL A 127 10.06 -2.77 -15.19
CA VAL A 127 11.14 -2.43 -14.25
C VAL A 127 10.55 -1.64 -13.06
N ASN A 128 9.87 -0.50 -13.34
CA ASN A 128 9.26 0.40 -12.36
C ASN A 128 8.20 -0.32 -11.47
N LEU A 129 7.47 -1.32 -12.02
CA LEU A 129 6.45 -2.04 -11.27
C LEU A 129 7.03 -2.95 -10.19
N TYR A 130 8.16 -3.63 -10.47
CA TYR A 130 8.75 -4.57 -9.52
C TYR A 130 9.91 -3.95 -8.71
N SER A 131 10.62 -2.94 -9.26
CA SER A 131 11.73 -2.31 -8.54
C SER A 131 11.21 -1.47 -7.36
N SER A 132 10.21 -0.59 -7.60
CA SER A 132 9.64 0.29 -6.57
C SER A 132 9.02 -0.49 -5.40
N VAL A 133 8.28 -1.59 -5.69
CA VAL A 133 7.59 -2.41 -4.68
C VAL A 133 8.62 -3.25 -3.87
N TRP A 134 9.81 -3.55 -4.42
CA TRP A 134 10.81 -4.33 -3.68
C TRP A 134 11.82 -3.42 -2.96
N ILE A 135 11.90 -2.12 -3.35
CA ILE A 135 12.74 -1.14 -2.68
C ILE A 135 12.08 -0.84 -1.32
N LEU A 136 10.73 -0.74 -1.32
CA LEU A 136 9.92 -0.53 -0.12
C LEU A 136 10.00 -1.76 0.80
N ALA A 137 10.11 -2.97 0.21
CA ALA A 137 10.27 -4.24 0.94
C ALA A 137 11.62 -4.29 1.65
N PHE A 138 12.68 -3.76 0.99
CA PHE A 138 14.05 -3.68 1.52
C PHE A 138 14.14 -2.58 2.57
N ILE A 139 13.29 -1.53 2.47
CA ILE A 139 13.19 -0.44 3.44
C ILE A 139 12.60 -1.03 4.74
N SER A 140 11.58 -1.92 4.59
CA SER A 140 10.92 -2.63 5.69
C SER A 140 11.91 -3.55 6.40
N LEU A 141 12.80 -4.22 5.63
CA LEU A 141 13.83 -5.12 6.17
C LEU A 141 14.90 -4.33 6.92
N ASP A 142 15.23 -3.11 6.43
CA ASP A 142 16.21 -2.20 7.02
C ASP A 142 15.74 -1.71 8.39
N ARG A 143 14.44 -1.39 8.52
CA ARG A 143 13.85 -0.93 9.78
C ARG A 143 13.79 -2.08 10.79
N TYR A 144 13.56 -3.32 10.32
CA TYR A 144 13.52 -4.52 11.16
C TYR A 144 14.90 -4.75 11.82
N LEU A 145 15.99 -4.59 11.07
CA LEU A 145 17.35 -4.79 11.59
C LEU A 145 17.76 -3.65 12.52
N ALA A 146 17.31 -2.43 12.23
CA ALA A 146 17.64 -1.22 13.00
C ALA A 146 16.86 -1.13 14.31
N ILE A 147 15.71 -1.82 14.44
CA ILE A 147 14.87 -1.74 15.64
C ILE A 147 14.96 -3.05 16.45
N VAL A 148 14.76 -4.23 15.81
CA VAL A 148 14.73 -5.52 16.50
C VAL A 148 16.16 -5.97 16.87
N HIS A 149 17.13 -5.85 15.96
CA HIS A 149 18.51 -6.30 16.22
C HIS A 149 19.51 -5.13 16.17
N ALA A 150 19.15 -3.99 16.80
CA ALA A 150 19.94 -2.76 16.85
C ALA A 150 21.32 -2.93 17.52
N THR A 151 21.47 -3.93 18.44
CA THR A 151 22.69 -4.23 19.23
C THR A 151 23.96 -4.18 18.35
N ASN A 152 23.95 -4.87 17.19
CA ASN A 152 25.05 -4.91 16.22
C ASN A 152 24.48 -5.25 14.83
N SER A 153 23.92 -4.23 14.16
CA SER A 153 23.27 -4.38 12.86
C SER A 153 23.88 -3.48 11.77
N GLN A 154 24.99 -2.78 12.06
CA GLN A 154 25.63 -1.88 11.08
C GLN A 154 26.17 -2.68 9.87
N ARG A 155 26.60 -3.94 10.08
CA ARG A 155 27.11 -4.83 9.02
C ARG A 155 25.93 -5.35 8.15
N PRO A 156 24.87 -6.06 8.67
CA PRO A 156 23.80 -6.54 7.78
C PRO A 156 23.04 -5.42 7.06
N ARG A 157 22.88 -4.23 7.70
CA ARG A 157 22.20 -3.07 7.10
C ARG A 157 23.00 -2.48 5.93
N LYS A 158 24.36 -2.50 6.03
CA LYS A 158 25.25 -2.00 4.99
C LYS A 158 25.24 -2.95 3.79
N LEU A 159 25.51 -4.25 4.03
CA LEU A 159 25.55 -5.34 3.04
C LEU A 159 24.29 -5.39 2.18
N LEU A 160 23.11 -5.13 2.80
CA LEU A 160 21.80 -5.15 2.16
C LEU A 160 21.62 -3.95 1.20
N ALA A 161 21.95 -2.73 1.66
CA ALA A 161 21.79 -1.49 0.90
C ALA A 161 22.91 -1.27 -0.15
N GLU A 162 24.11 -1.85 0.08
CA GLU A 162 25.25 -1.65 -0.82
C GLU A 162 25.39 -2.76 -1.87
N LYS A 163 25.02 -4.02 -1.55
CA LYS A 163 25.22 -5.14 -2.47
C LYS A 163 23.94 -5.96 -2.76
N VAL A 164 23.24 -6.45 -1.71
CA VAL A 164 22.06 -7.33 -1.82
C VAL A 164 20.89 -6.62 -2.58
N VAL A 165 20.83 -5.28 -2.56
CA VAL A 165 19.77 -4.50 -3.23
C VAL A 165 19.84 -4.73 -4.78
N TYR A 166 21.05 -4.80 -5.36
CA TYR A 166 21.22 -5.01 -6.80
C TYR A 166 20.87 -6.44 -7.20
N VAL A 167 21.36 -7.43 -6.44
CA VAL A 167 21.18 -8.87 -6.68
C VAL A 167 19.69 -9.27 -6.46
N GLY A 168 19.06 -8.75 -5.41
CA GLY A 168 17.69 -9.07 -5.06
C GLY A 168 16.56 -8.22 -5.61
N VAL A 169 16.88 -7.06 -6.25
CA VAL A 169 15.84 -6.17 -6.78
C VAL A 169 16.06 -5.93 -8.29
N TRP A 170 17.23 -5.38 -8.70
CA TRP A 170 17.50 -5.00 -10.08
C TRP A 170 17.74 -6.22 -11.00
N ILE A 171 18.43 -7.28 -10.53
CA ILE A 171 18.69 -8.48 -11.34
C ILE A 171 17.33 -9.20 -11.65
N PRO A 172 16.43 -9.52 -10.69
CA PRO A 172 15.16 -10.19 -11.07
C PRO A 172 14.23 -9.28 -11.88
N ALA A 173 14.25 -7.94 -11.65
CA ALA A 173 13.41 -6.97 -12.37
C ALA A 173 13.77 -6.92 -13.86
N LEU A 174 15.07 -6.96 -14.18
CA LEU A 174 15.56 -6.97 -15.57
C LEU A 174 15.36 -8.35 -16.20
N LEU A 175 15.20 -9.39 -15.36
CA LEU A 175 14.97 -10.78 -15.80
C LEU A 175 13.49 -11.01 -16.10
N LEU A 176 12.60 -10.10 -15.64
CA LEU A 176 11.15 -10.17 -15.86
C LEU A 176 10.73 -9.33 -17.07
N THR A 177 11.69 -8.68 -17.75
CA THR A 177 11.44 -7.85 -18.93
C THR A 177 11.57 -8.69 -20.21
N ILE A 178 12.01 -9.97 -20.09
CA ILE A 178 12.17 -10.93 -21.20
C ILE A 178 10.82 -11.04 -21.98
N PRO A 179 9.62 -11.21 -21.35
CA PRO A 179 8.38 -11.28 -22.15
C PRO A 179 8.02 -9.95 -22.84
N ASP A 180 8.53 -8.81 -22.33
CA ASP A 180 8.28 -7.49 -22.93
C ASP A 180 9.15 -7.29 -24.20
N PHE A 181 10.12 -8.19 -24.44
CA PHE A 181 10.97 -8.20 -25.62
C PHE A 181 10.44 -9.19 -26.66
N ILE A 182 9.61 -10.15 -26.22
CA ILE A 182 9.05 -11.20 -27.08
C ILE A 182 7.60 -10.88 -27.51
N PHE A 183 6.70 -10.59 -26.55
CA PHE A 183 5.27 -10.42 -26.81
C PHE A 183 4.84 -8.95 -27.01
N ALA A 184 5.58 -7.95 -26.50
CA ALA A 184 5.20 -6.55 -26.66
C ALA A 184 5.54 -6.06 -28.08
N ASN A 185 4.49 -5.72 -28.87
CA ASN A 185 4.59 -5.23 -30.25
C ASN A 185 3.26 -4.57 -30.68
N VAL A 186 3.34 -3.65 -31.66
CA VAL A 186 2.21 -2.86 -32.20
C VAL A 186 1.32 -3.76 -33.09
N SER A 187 -0.01 -3.54 -33.00
CA SER A 187 -1.04 -4.26 -33.76
C SER A 187 -2.22 -3.35 -34.11
N GLU A 188 -2.82 -3.56 -35.29
CA GLU A 188 -3.99 -2.80 -35.76
C GLU A 188 -5.26 -3.43 -35.16
N ALA A 189 -6.14 -2.56 -34.60
CA ALA A 189 -7.38 -3.01 -33.97
C ALA A 189 -8.56 -2.07 -34.29
N ASP A 190 -9.37 -2.51 -35.24
CA ASP A 190 -10.58 -1.81 -35.65
C ASP A 190 -10.12 -0.44 -36.12
N ASP A 191 -10.24 0.53 -35.24
CA ASP A 191 -10.10 1.96 -35.54
C ASP A 191 -8.66 2.49 -35.52
N ARG A 192 -7.85 2.06 -34.54
CA ARG A 192 -6.48 2.57 -34.37
C ARG A 192 -5.46 1.45 -34.06
N TYR A 193 -4.17 1.83 -33.92
CA TYR A 193 -3.06 0.95 -33.58
C TYR A 193 -2.90 0.86 -32.06
N ILE A 194 -2.55 -0.33 -31.54
CA ILE A 194 -2.39 -0.52 -30.10
C ILE A 194 -1.05 -1.23 -29.80
N CYS A 195 -0.29 -0.69 -28.82
CA CYS A 195 0.99 -1.23 -28.35
C CYS A 195 0.72 -2.09 -27.10
N CYS A 196 0.66 -3.42 -27.28
CA CYS A 196 0.32 -4.36 -26.21
C CYS A 196 1.19 -5.61 -26.26
N ARG A 197 1.04 -6.47 -25.23
CA ARG A 197 1.70 -7.77 -25.11
C ARG A 197 0.74 -8.84 -25.63
N PHE A 198 1.06 -9.43 -26.79
CA PHE A 198 0.23 -10.44 -27.43
C PHE A 198 0.86 -11.82 -27.29
N TYR A 199 0.14 -12.72 -26.58
CA TYR A 199 0.55 -14.09 -26.28
C TYR A 199 0.00 -15.08 -27.32
N PRO A 200 0.67 -16.23 -27.58
CA PRO A 200 0.17 -17.18 -28.59
C PRO A 200 -1.18 -17.81 -28.22
N ASN A 201 -1.45 -18.03 -26.92
CA ASN A 201 -2.71 -18.62 -26.43
C ASN A 201 -3.03 -18.12 -25.01
N ASP A 202 -4.26 -18.42 -24.53
CA ASP A 202 -4.81 -17.99 -23.23
C ASP A 202 -4.04 -18.56 -22.02
N LEU A 203 -3.33 -19.71 -22.17
CA LEU A 203 -2.57 -20.33 -21.09
C LEU A 203 -1.36 -19.45 -20.70
N TRP A 204 -0.78 -18.72 -21.67
CA TRP A 204 0.32 -17.76 -21.43
C TRP A 204 -0.22 -16.50 -20.75
N VAL A 205 -1.44 -16.08 -21.14
CA VAL A 205 -2.12 -14.89 -20.62
C VAL A 205 -2.38 -15.05 -19.11
N VAL A 206 -2.91 -16.22 -18.69
CA VAL A 206 -3.30 -16.52 -17.31
C VAL A 206 -2.04 -16.85 -16.41
N VAL A 207 -0.90 -17.32 -16.97
CA VAL A 207 0.26 -17.61 -16.12
C VAL A 207 1.00 -16.31 -15.78
N PHE A 208 1.09 -15.34 -16.72
CA PHE A 208 1.73 -14.05 -16.45
C PHE A 208 0.77 -13.13 -15.68
N GLN A 209 -0.53 -13.45 -15.71
CA GLN A 209 -1.59 -12.75 -14.98
C GLN A 209 -1.44 -13.06 -13.48
N PHE A 210 -1.13 -14.34 -13.15
CA PHE A 210 -0.95 -14.84 -11.79
C PHE A 210 0.50 -14.60 -11.29
N GLN A 211 1.47 -14.47 -12.22
CA GLN A 211 2.89 -14.21 -11.88
C GLN A 211 3.05 -12.77 -11.36
N HIS A 212 2.31 -11.81 -11.95
CA HIS A 212 2.32 -10.39 -11.58
C HIS A 212 1.75 -10.19 -10.16
N ILE A 213 0.70 -10.96 -9.80
CA ILE A 213 0.04 -10.89 -8.48
C ILE A 213 1.02 -11.35 -7.38
N MET A 214 1.85 -12.38 -7.65
CA MET A 214 2.82 -12.89 -6.68
C MET A 214 4.00 -11.93 -6.50
N VAL A 215 4.88 -11.84 -7.52
CA VAL A 215 6.13 -11.06 -7.58
C VAL A 215 5.89 -9.54 -7.32
N GLY A 216 4.77 -9.00 -7.78
CA GLY A 216 4.50 -7.56 -7.64
C GLY A 216 3.43 -7.10 -6.67
N LEU A 217 2.80 -8.02 -5.90
CA LEU A 217 1.75 -7.60 -4.97
C LEU A 217 1.70 -8.49 -3.70
N ILE A 218 1.63 -9.83 -3.83
CA ILE A 218 1.53 -10.74 -2.69
C ILE A 218 2.91 -10.86 -1.98
N LEU A 219 3.94 -11.39 -2.67
CA LEU A 219 5.27 -11.61 -2.09
C LEU A 219 5.89 -10.33 -1.45
N PRO A 220 5.91 -9.13 -2.09
CA PRO A 220 6.45 -7.95 -1.37
C PRO A 220 5.56 -7.55 -0.19
N GLY A 221 4.25 -7.80 -0.32
CA GLY A 221 3.24 -7.54 0.69
C GLY A 221 3.46 -8.37 1.95
N ILE A 222 3.93 -9.63 1.79
CA ILE A 222 4.24 -10.54 2.91
C ILE A 222 5.46 -10.00 3.67
N VAL A 223 6.52 -9.59 2.92
CA VAL A 223 7.78 -9.05 3.44
C VAL A 223 7.53 -7.78 4.27
N ILE A 224 6.71 -6.83 3.74
CA ILE A 224 6.41 -5.56 4.41
C ILE A 224 5.51 -5.84 5.65
N LEU A 225 4.48 -6.70 5.50
CA LEU A 225 3.55 -7.04 6.58
C LEU A 225 4.26 -7.77 7.74
N SER A 226 5.09 -8.81 7.43
CA SER A 226 5.82 -9.59 8.42
C SER A 226 6.87 -8.74 9.17
N CYS A 227 7.41 -7.68 8.52
CA CYS A 227 8.38 -6.75 9.14
C CYS A 227 7.65 -5.89 10.16
N TYR A 228 6.56 -5.20 9.74
CA TYR A 228 5.73 -4.34 10.57
C TYR A 228 5.20 -5.09 11.81
N CYS A 229 4.71 -6.33 11.62
CA CYS A 229 4.12 -7.16 12.67
C CYS A 229 5.16 -7.64 13.70
N ILE A 230 6.47 -7.62 13.37
CA ILE A 230 7.49 -8.05 14.34
C ILE A 230 8.23 -6.81 14.89
N ILE A 231 8.09 -5.62 14.24
CA ILE A 231 8.67 -4.36 14.70
C ILE A 231 7.80 -3.83 15.86
N ILE A 232 6.45 -3.86 15.71
CA ILE A 232 5.50 -3.42 16.75
C ILE A 232 5.55 -4.41 17.93
N SER A 233 5.83 -5.72 17.65
CA SER A 233 5.96 -6.80 18.64
C SER A 233 7.15 -6.52 19.56
N LYS A 234 8.25 -5.98 19.00
CA LYS A 234 9.48 -5.61 19.70
C LYS A 234 9.22 -4.32 20.51
N LEU A 235 8.63 -3.31 19.85
CA LEU A 235 8.28 -2.00 20.42
C LEU A 235 7.39 -2.13 21.66
N SER A 236 6.39 -3.03 21.62
CA SER A 236 5.47 -3.28 22.74
C SER A 236 6.17 -4.08 23.85
N HIS A 237 7.15 -4.93 23.49
CA HIS A 237 7.92 -5.73 24.45
C HIS A 237 8.90 -4.84 25.24
N ASN A 238 9.45 -3.80 24.58
CA ASN A 238 10.39 -2.86 25.19
C ASN A 238 9.75 -2.04 26.31
N ILE A 239 8.42 -1.77 26.22
CA ILE A 239 7.67 -1.06 27.25
C ILE A 239 7.44 -2.02 28.42
N PHE A 240 7.20 -3.32 28.12
CA PHE A 240 6.99 -4.39 29.11
C PHE A 240 8.22 -4.56 29.99
N GLU A 241 9.43 -4.59 29.38
CA GLU A 241 10.68 -4.73 30.12
C GLU A 241 11.04 -3.43 30.86
N MET A 242 10.56 -2.27 30.35
CA MET A 242 10.77 -0.94 30.93
C MET A 242 10.00 -0.81 32.25
N LEU A 243 8.73 -1.25 32.26
CA LEU A 243 7.88 -1.19 33.43
C LEU A 243 8.12 -2.39 34.37
N ARG A 244 8.80 -3.46 33.86
CA ARG A 244 9.19 -4.63 34.65
C ARG A 244 10.25 -4.20 35.66
N ILE A 245 11.11 -3.25 35.24
CA ILE A 245 12.19 -2.62 36.01
C ILE A 245 11.59 -1.62 37.02
N ASP A 246 10.66 -0.75 36.54
CA ASP A 246 10.06 0.31 37.34
C ASP A 246 8.98 -0.22 38.31
N GLU A 247 7.82 -0.67 37.80
CA GLU A 247 6.71 -1.16 38.62
C GLU A 247 7.02 -2.53 39.25
N GLY A 248 7.46 -3.49 38.45
CA GLY A 248 7.77 -4.84 38.91
C GLY A 248 6.75 -5.86 38.45
N LEU A 249 7.24 -7.05 38.05
CA LEU A 249 6.40 -8.14 37.57
C LEU A 249 6.05 -9.11 38.71
N ARG A 250 4.77 -9.49 38.78
CA ARG A 250 4.22 -10.42 39.77
C ARG A 250 3.32 -11.44 39.06
N LEU A 251 3.71 -12.72 39.15
CA LEU A 251 3.02 -13.85 38.49
C LEU A 251 1.93 -14.46 39.40
N LYS A 252 1.64 -13.79 40.53
CA LYS A 252 0.63 -14.19 41.52
C LYS A 252 -0.35 -13.04 41.78
N ILE A 253 -1.59 -13.35 42.20
CA ILE A 253 -2.57 -12.31 42.54
C ILE A 253 -2.11 -11.68 43.88
N TYR A 254 -1.88 -10.37 43.86
CA TYR A 254 -1.43 -9.60 45.01
C TYR A 254 -2.38 -8.43 45.28
N LYS A 255 -2.31 -7.86 46.49
CA LYS A 255 -3.15 -6.72 46.87
C LYS A 255 -2.42 -5.42 46.58
N ASP A 256 -3.14 -4.46 45.99
CA ASP A 256 -2.70 -3.11 45.62
C ASP A 256 -2.50 -2.25 46.89
N THR A 257 -1.92 -1.03 46.73
CA THR A 257 -1.69 -0.06 47.81
C THR A 257 -3.08 0.38 48.36
N GLU A 258 -4.10 0.40 47.47
CA GLU A 258 -5.48 0.75 47.78
C GLU A 258 -6.26 -0.50 48.28
N GLY A 259 -5.65 -1.69 48.09
CA GLY A 259 -6.21 -2.97 48.55
C GLY A 259 -6.94 -3.83 47.54
N TYR A 260 -6.92 -3.45 46.25
CA TYR A 260 -7.62 -4.21 45.20
C TYR A 260 -6.74 -5.34 44.67
N TYR A 261 -7.37 -6.43 44.17
CA TYR A 261 -6.64 -7.58 43.64
C TYR A 261 -6.04 -7.22 42.28
N THR A 262 -4.70 -7.33 42.18
CA THR A 262 -3.90 -6.96 41.01
C THR A 262 -2.97 -8.14 40.64
N ILE A 263 -2.46 -8.17 39.39
CA ILE A 263 -1.54 -9.19 38.88
C ILE A 263 -0.70 -8.56 37.73
N GLY A 264 0.47 -9.13 37.45
CA GLY A 264 1.38 -8.66 36.41
C GLY A 264 2.01 -7.32 36.72
N ILE A 265 2.00 -6.41 35.74
CA ILE A 265 2.54 -5.05 35.88
C ILE A 265 1.34 -4.10 36.09
N GLY A 266 0.88 -4.05 37.34
CA GLY A 266 -0.23 -3.21 37.77
C GLY A 266 -1.55 -3.38 37.06
N HIS A 267 -1.86 -4.62 36.60
CA HIS A 267 -3.12 -4.90 35.92
C HIS A 267 -4.21 -5.21 36.96
N LEU A 268 -5.13 -4.25 37.16
CA LEU A 268 -6.23 -4.38 38.12
C LEU A 268 -7.31 -5.31 37.53
N LEU A 269 -7.70 -6.33 38.33
CA LEU A 269 -8.70 -7.31 37.93
C LEU A 269 -10.10 -6.79 38.27
N THR A 270 -10.38 -6.54 39.56
CA THR A 270 -11.66 -6.02 40.06
C THR A 270 -11.50 -5.11 41.29
N LYS A 271 -12.48 -4.20 41.48
CA LYS A 271 -12.58 -3.32 42.64
C LYS A 271 -13.25 -4.08 43.79
N SER A 272 -13.77 -5.29 43.47
CA SER A 272 -14.45 -6.24 44.33
C SER A 272 -13.54 -6.74 45.47
N PRO A 273 -14.08 -6.92 46.71
CA PRO A 273 -13.24 -7.43 47.80
C PRO A 273 -13.07 -8.95 47.75
N SER A 274 -13.73 -9.64 46.79
CA SER A 274 -13.67 -11.08 46.62
C SER A 274 -12.47 -11.49 45.78
N LEU A 275 -11.72 -12.50 46.26
CA LEU A 275 -10.55 -13.08 45.59
C LEU A 275 -11.00 -13.94 44.41
N ASN A 276 -12.03 -14.80 44.62
CA ASN A 276 -12.61 -15.69 43.60
C ASN A 276 -13.18 -14.91 42.42
N ALA A 277 -13.73 -13.69 42.68
CA ALA A 277 -14.27 -12.80 41.65
C ALA A 277 -13.16 -12.33 40.70
N ALA A 278 -12.00 -11.96 41.28
CA ALA A 278 -10.83 -11.52 40.53
C ALA A 278 -10.14 -12.71 39.86
N LYS A 279 -10.16 -13.89 40.53
CA LYS A 279 -9.57 -15.14 40.04
C LYS A 279 -10.31 -15.61 38.78
N SER A 280 -11.66 -15.50 38.78
CA SER A 280 -12.52 -15.84 37.64
C SER A 280 -12.33 -14.82 36.51
N GLU A 281 -12.16 -13.53 36.85
CA GLU A 281 -11.93 -12.41 35.92
C GLU A 281 -10.62 -12.62 35.16
N LEU A 282 -9.62 -13.21 35.84
CA LEU A 282 -8.31 -13.55 35.30
C LEU A 282 -8.43 -14.73 34.31
N ASP A 283 -9.20 -15.77 34.69
CA ASP A 283 -9.45 -16.97 33.88
C ASP A 283 -10.19 -16.62 32.58
N LYS A 284 -11.07 -15.60 32.63
CA LYS A 284 -11.85 -15.11 31.51
C LYS A 284 -10.94 -14.30 30.55
N ALA A 285 -10.06 -13.44 31.12
CA ALA A 285 -9.13 -12.60 30.37
C ALA A 285 -8.03 -13.43 29.67
N ILE A 286 -7.56 -14.51 30.33
CA ILE A 286 -6.52 -15.40 29.80
C ILE A 286 -7.17 -16.48 28.90
N GLY A 287 -8.19 -17.16 29.41
CA GLY A 287 -8.89 -18.25 28.71
C GLY A 287 -8.68 -19.57 29.43
N ARG A 288 -7.50 -19.71 30.09
CA ARG A 288 -7.04 -20.85 30.86
C ARG A 288 -7.54 -20.75 32.31
N ASN A 289 -7.93 -21.89 32.92
CA ASN A 289 -8.37 -21.95 34.31
C ASN A 289 -7.13 -21.86 35.23
N THR A 290 -6.79 -20.64 35.67
CA THR A 290 -5.63 -20.38 36.53
C THR A 290 -6.03 -20.29 38.01
N ASN A 291 -5.15 -20.79 38.89
CA ASN A 291 -5.36 -20.76 40.34
C ASN A 291 -4.58 -19.57 40.95
N GLY A 292 -4.55 -18.47 40.20
CA GLY A 292 -3.84 -17.24 40.58
C GLY A 292 -2.44 -17.15 39.99
N VAL A 293 -1.95 -18.27 39.42
CA VAL A 293 -0.62 -18.38 38.81
C VAL A 293 -0.70 -18.10 37.30
N ILE A 294 0.17 -17.20 36.80
CA ILE A 294 0.25 -16.86 35.38
C ILE A 294 1.73 -16.90 34.94
N THR A 295 1.98 -16.98 33.62
CA THR A 295 3.35 -17.00 33.07
C THR A 295 3.73 -15.59 32.61
N LYS A 296 5.05 -15.35 32.42
CA LYS A 296 5.63 -14.08 31.95
C LYS A 296 4.98 -13.65 30.62
N ASP A 297 4.70 -14.62 29.73
CA ASP A 297 4.05 -14.43 28.44
C ASP A 297 2.60 -13.97 28.62
N GLU A 298 1.85 -14.66 29.51
CA GLU A 298 0.46 -14.35 29.87
C GLU A 298 0.37 -12.96 30.50
N ALA A 299 1.39 -12.60 31.31
CA ALA A 299 1.54 -11.30 31.97
C ALA A 299 1.78 -10.19 30.96
N GLU A 300 2.45 -10.52 29.83
CA GLU A 300 2.74 -9.57 28.76
C GLU A 300 1.49 -9.35 27.91
N LYS A 301 0.67 -10.40 27.70
CA LYS A 301 -0.59 -10.32 26.94
C LYS A 301 -1.56 -9.36 27.64
N LEU A 302 -1.65 -9.45 28.99
CA LEU A 302 -2.50 -8.58 29.82
C LEU A 302 -1.96 -7.16 29.83
N PHE A 303 -0.62 -7.02 29.78
CA PHE A 303 0.09 -5.74 29.78
C PHE A 303 -0.22 -4.97 28.49
N ASN A 304 -0.10 -5.63 27.33
CA ASN A 304 -0.35 -5.05 26.00
C ASN A 304 -1.79 -4.52 25.92
N GLN A 305 -2.75 -5.22 26.57
CA GLN A 305 -4.17 -4.85 26.65
C GLN A 305 -4.34 -3.55 27.44
N ASP A 306 -3.52 -3.37 28.50
CA ASP A 306 -3.55 -2.18 29.36
C ASP A 306 -2.92 -0.97 28.67
N VAL A 307 -1.93 -1.20 27.78
CA VAL A 307 -1.25 -0.14 27.03
C VAL A 307 -2.25 0.42 26.00
N ASP A 308 -3.00 -0.45 25.29
CA ASP A 308 -4.02 -0.07 24.32
C ASP A 308 -5.04 0.89 24.94
N ALA A 309 -5.53 0.55 26.15
CA ALA A 309 -6.48 1.35 26.93
C ALA A 309 -5.90 2.72 27.30
N ALA A 310 -4.62 2.74 27.70
CA ALA A 310 -3.90 3.96 28.10
C ALA A 310 -3.66 4.89 26.90
N VAL A 311 -3.33 4.30 25.72
CA VAL A 311 -3.05 5.04 24.48
C VAL A 311 -4.36 5.66 23.97
N ARG A 312 -5.44 4.85 23.84
CA ARG A 312 -6.77 5.27 23.37
C ARG A 312 -7.35 6.42 24.21
N GLY A 313 -7.05 6.42 25.50
CA GLY A 313 -7.49 7.46 26.44
C GLY A 313 -6.67 8.73 26.34
N ILE A 314 -5.36 8.60 26.05
CA ILE A 314 -4.42 9.72 25.91
C ILE A 314 -4.73 10.55 24.67
N LEU A 315 -5.02 9.90 23.53
CA LEU A 315 -5.34 10.57 22.26
C LEU A 315 -6.75 11.20 22.29
N ARG A 316 -7.55 10.91 23.35
CA ARG A 316 -8.88 11.47 23.57
C ARG A 316 -8.80 12.75 24.40
N ASN A 317 -7.72 12.90 25.20
CA ASN A 317 -7.44 14.06 26.06
C ASN A 317 -6.90 15.21 25.20
N ALA A 318 -7.51 16.40 25.31
CA ALA A 318 -7.18 17.61 24.56
C ALA A 318 -5.77 18.17 24.90
N LYS A 319 -5.23 17.86 26.09
CA LYS A 319 -3.91 18.33 26.53
C LYS A 319 -2.82 17.25 26.38
N LEU A 320 -3.20 15.99 26.07
CA LEU A 320 -2.26 14.87 25.92
C LEU A 320 -2.12 14.39 24.46
N LYS A 321 -3.18 14.55 23.63
CA LYS A 321 -3.19 14.15 22.22
C LYS A 321 -2.21 14.97 21.35
N PRO A 322 -2.09 16.33 21.44
CA PRO A 322 -1.15 17.04 20.54
C PRO A 322 0.32 16.83 20.91
N VAL A 323 0.57 16.14 22.04
CA VAL A 323 1.91 15.85 22.53
C VAL A 323 2.34 14.44 22.07
N TYR A 324 1.43 13.44 22.22
CA TYR A 324 1.65 12.02 21.91
C TYR A 324 2.17 11.80 20.47
N ASP A 325 1.60 12.51 19.46
CA ASP A 325 2.01 12.35 18.06
C ASP A 325 3.38 12.99 17.79
N SER A 326 3.74 14.04 18.55
CA SER A 326 5.01 14.77 18.41
C SER A 326 6.20 13.96 18.93
N LEU A 327 5.95 13.06 19.90
CA LEU A 327 6.98 12.21 20.52
C LEU A 327 7.42 11.06 19.61
N ASP A 328 8.58 10.44 19.92
CA ASP A 328 9.16 9.31 19.19
C ASP A 328 8.46 8.00 19.59
N ALA A 329 9.17 6.85 19.52
CA ALA A 329 8.62 5.55 19.92
C ALA A 329 8.97 5.25 21.38
N VAL A 330 10.15 5.73 21.85
CA VAL A 330 10.66 5.55 23.21
C VAL A 330 10.10 6.65 24.14
N ARG A 331 9.90 7.87 23.61
CA ARG A 331 9.36 9.00 24.39
C ARG A 331 7.88 8.77 24.72
N ARG A 332 7.16 8.00 23.88
CA ARG A 332 5.77 7.61 24.10
C ARG A 332 5.71 6.60 25.25
N ALA A 333 6.64 5.62 25.25
CA ALA A 333 6.78 4.58 26.28
C ALA A 333 7.00 5.19 27.67
N ALA A 334 7.76 6.31 27.73
CA ALA A 334 8.03 7.05 28.96
C ALA A 334 6.79 7.81 29.43
N LEU A 335 5.93 8.25 28.49
CA LEU A 335 4.68 8.94 28.80
C LEU A 335 3.62 7.94 29.30
N ILE A 336 3.60 6.71 28.72
CA ILE A 336 2.71 5.60 29.08
C ILE A 336 3.08 5.13 30.51
N ASN A 337 4.40 5.15 30.84
CA ASN A 337 4.96 4.81 32.14
C ASN A 337 4.40 5.75 33.22
N MET A 338 4.29 7.06 32.90
CA MET A 338 3.76 8.10 33.79
C MET A 338 2.25 7.90 34.02
N VAL A 339 1.52 7.40 32.98
CA VAL A 339 0.08 7.11 33.02
C VAL A 339 -0.16 5.90 33.94
N PHE A 340 0.69 4.85 33.86
CA PHE A 340 0.61 3.67 34.71
C PHE A 340 0.90 4.01 36.18
N GLN A 341 1.76 5.02 36.40
CA GLN A 341 2.21 5.46 37.72
C GLN A 341 1.24 6.47 38.37
N MET A 342 0.74 7.47 37.60
CA MET A 342 -0.13 8.52 38.14
C MET A 342 -1.58 8.44 37.64
N GLY A 343 -1.77 8.24 36.34
CA GLY A 343 -3.09 8.19 35.72
C GLY A 343 -3.26 9.28 34.68
N GLU A 344 -4.28 9.11 33.81
CA GLU A 344 -4.62 10.04 32.72
C GLU A 344 -4.84 11.46 33.24
N THR A 345 -5.57 11.61 34.37
CA THR A 345 -5.87 12.89 35.01
C THR A 345 -4.59 13.51 35.59
N GLY A 346 -3.72 12.66 36.17
CA GLY A 346 -2.46 13.07 36.79
C GLY A 346 -1.44 13.63 35.81
N VAL A 347 -1.23 12.95 34.67
CA VAL A 347 -0.28 13.33 33.62
C VAL A 347 -0.79 14.62 32.92
N ALA A 348 -2.13 14.78 32.81
CA ALA A 348 -2.79 15.96 32.20
C ALA A 348 -2.50 17.26 32.99
N GLY A 349 -2.09 17.12 34.26
CA GLY A 349 -1.76 18.24 35.14
C GLY A 349 -0.38 18.84 34.90
N PHE A 350 0.38 18.30 33.94
CA PHE A 350 1.72 18.76 33.57
C PHE A 350 1.65 19.71 32.35
N THR A 351 0.57 20.52 32.25
CA THR A 351 0.27 21.48 31.17
C THR A 351 1.46 22.42 30.88
N ASN A 352 2.25 22.77 31.91
CA ASN A 352 3.42 23.64 31.81
C ASN A 352 4.59 22.90 31.13
N SER A 353 4.80 21.62 31.51
CA SER A 353 5.87 20.75 31.02
C SER A 353 5.56 20.14 29.64
N LEU A 354 4.28 19.81 29.37
CA LEU A 354 3.83 19.21 28.10
C LEU A 354 3.97 20.21 26.92
N ARG A 355 3.91 21.53 27.21
CA ARG A 355 4.05 22.61 26.23
C ARG A 355 5.48 22.66 25.68
N MET A 356 6.49 22.52 26.56
CA MET A 356 7.92 22.51 26.21
C MET A 356 8.30 21.18 25.56
N LEU A 357 7.55 20.11 25.87
CA LEU A 357 7.75 18.75 25.37
C LEU A 357 7.42 18.66 23.87
N GLN A 358 6.53 19.54 23.38
CA GLN A 358 6.13 19.65 21.96
C GLN A 358 7.09 20.55 21.19
N GLN A 359 7.60 21.60 21.87
CA GLN A 359 8.52 22.58 21.30
C GLN A 359 9.93 22.00 21.07
N LYS A 360 10.14 20.72 21.48
CA LYS A 360 11.38 19.92 21.34
C LYS A 360 12.57 20.52 22.16
N ARG A 361 12.28 21.25 23.25
CA ARG A 361 13.31 21.79 24.14
C ARG A 361 13.51 20.79 25.28
N TRP A 362 14.01 19.58 24.94
CA TRP A 362 14.19 18.42 25.82
C TRP A 362 15.15 18.70 26.98
N ASP A 363 16.17 19.57 26.81
CA ASP A 363 17.10 19.90 27.90
C ASP A 363 16.51 20.93 28.83
N GLU A 364 15.62 21.81 28.31
CA GLU A 364 14.95 22.87 29.05
C GLU A 364 13.73 22.35 29.81
N ALA A 365 13.08 21.30 29.27
CA ALA A 365 11.90 20.70 29.88
C ALA A 365 12.28 19.80 31.06
N ALA A 366 13.32 18.96 30.91
CA ALA A 366 13.83 18.01 31.92
C ALA A 366 14.26 18.72 33.21
N VAL A 367 14.94 19.89 33.11
CA VAL A 367 15.39 20.67 34.26
C VAL A 367 14.16 21.35 34.93
N ASN A 368 13.11 21.66 34.12
CA ASN A 368 11.87 22.28 34.59
C ASN A 368 10.90 21.22 35.15
N LEU A 369 11.13 19.93 34.84
CA LEU A 369 10.30 18.81 35.29
C LEU A 369 10.95 18.11 36.50
N ALA A 370 12.28 18.33 36.70
CA ALA A 370 13.03 17.78 37.83
C ALA A 370 12.64 18.44 39.16
N LYS A 371 12.12 19.68 39.09
CA LYS A 371 11.70 20.48 40.24
C LYS A 371 10.30 20.08 40.76
N SER A 372 9.57 19.20 40.04
CA SER A 372 8.21 18.73 40.39
C SER A 372 8.20 17.88 41.67
N ARG A 373 7.03 17.80 42.32
CA ARG A 373 6.78 17.02 43.55
C ARG A 373 6.81 15.52 43.24
N TRP A 374 6.54 15.15 41.97
CA TRP A 374 6.55 13.78 41.44
C TRP A 374 7.95 13.17 41.53
N TYR A 375 9.00 13.98 41.28
CA TYR A 375 10.41 13.58 41.32
C TYR A 375 10.81 13.25 42.77
N ASN A 376 10.30 14.01 43.75
CA ASN A 376 10.59 13.79 45.18
C ASN A 376 9.59 12.80 45.81
N GLN A 377 8.60 12.31 45.03
CA GLN A 377 7.64 11.32 45.50
C GLN A 377 8.27 9.93 45.36
N THR A 378 8.99 9.74 44.24
CA THR A 378 9.76 8.55 43.84
C THR A 378 10.96 9.07 43.02
N PRO A 379 12.20 8.99 43.55
CA PRO A 379 13.34 9.58 42.81
C PRO A 379 14.00 8.65 41.78
N ASN A 380 14.08 7.34 42.04
CA ASN A 380 14.73 6.35 41.17
C ASN A 380 13.94 6.09 39.87
N ARG A 381 12.61 6.01 39.95
CA ARG A 381 11.76 5.77 38.78
C ARG A 381 11.66 7.04 37.93
N ALA A 382 11.52 8.23 38.57
CA ALA A 382 11.39 9.52 37.91
C ALA A 382 12.64 9.91 37.13
N LYS A 383 13.86 9.68 37.68
CA LYS A 383 15.12 10.02 37.03
C LYS A 383 15.30 9.19 35.74
N ARG A 384 14.85 7.92 35.72
CA ARG A 384 14.93 7.03 34.56
C ARG A 384 13.97 7.47 33.45
N VAL A 385 12.78 7.98 33.83
CA VAL A 385 11.75 8.43 32.89
C VAL A 385 12.14 9.82 32.33
N ILE A 386 12.63 10.75 33.19
CA ILE A 386 12.97 12.11 32.76
C ILE A 386 14.23 12.09 31.83
N THR A 387 15.22 11.21 32.08
CA THR A 387 16.42 11.12 31.24
C THR A 387 16.03 10.47 29.89
N THR A 388 14.96 9.65 29.87
CA THR A 388 14.43 9.03 28.65
C THR A 388 13.78 10.13 27.79
N PHE A 389 13.02 11.07 28.40
CA PHE A 389 12.40 12.20 27.68
C PHE A 389 13.46 13.20 27.20
N ARG A 390 14.51 13.40 28.01
CA ARG A 390 15.64 14.32 27.77
C ARG A 390 16.49 13.87 26.56
N THR A 391 16.88 12.59 26.52
CA THR A 391 17.76 12.05 25.46
C THR A 391 16.98 11.43 24.29
N GLY A 392 15.94 10.65 24.61
CA GLY A 392 15.17 9.92 23.61
C GLY A 392 15.82 8.59 23.31
N THR A 393 16.40 7.97 24.36
CA THR A 393 17.10 6.68 24.29
C THR A 393 16.53 5.70 25.31
N TRP A 394 16.42 4.43 24.91
CA TRP A 394 15.91 3.33 25.74
C TRP A 394 17.07 2.76 26.59
N ASP A 395 18.30 3.29 26.39
CA ASP A 395 19.53 2.89 27.09
C ASP A 395 19.60 3.46 28.53
N ALA A 396 18.55 4.18 28.98
CA ALA A 396 18.45 4.67 30.36
C ALA A 396 18.09 3.51 31.31
N TYR A 397 17.54 2.42 30.71
CA TYR A 397 17.11 1.17 31.34
C TYR A 397 18.00 0.00 30.92
N SER A 398 18.44 0.01 29.65
CA SER A 398 19.29 -1.02 29.05
C SER A 398 20.77 -0.74 29.29
N GLY A 399 21.51 -1.76 29.72
CA GLY A 399 22.94 -1.65 29.98
C GLY A 399 23.75 -2.05 28.76
N SER A 400 23.64 -1.27 27.67
CA SER A 400 24.34 -1.53 26.41
C SER A 400 24.91 -0.22 25.81
N GLY A 401 24.61 0.06 24.54
CA GLY A 401 25.09 1.23 23.80
C GLY A 401 24.50 2.57 24.19
N HIS A 402 24.60 3.55 23.27
CA HIS A 402 24.11 4.93 23.46
C HIS A 402 23.67 5.56 22.14
N GLN A 403 22.74 6.55 22.21
CA GLN A 403 22.19 7.36 21.11
C GLN A 403 21.74 6.51 19.89
N LYS A 404 21.01 5.41 20.13
CA LYS A 404 20.53 4.53 19.07
C LYS A 404 19.08 4.91 18.70
N ARG A 405 18.91 6.05 18.01
CA ARG A 405 17.61 6.57 17.60
C ARG A 405 17.39 6.37 16.09
N LYS A 406 16.22 5.78 15.72
CA LYS A 406 15.84 5.51 14.33
C LYS A 406 14.42 6.01 14.02
N ALA A 407 14.22 6.55 12.80
CA ALA A 407 12.94 7.09 12.34
C ALA A 407 12.08 5.98 11.73
N LEU A 408 10.77 6.01 12.03
CA LEU A 408 9.80 5.03 11.54
C LEU A 408 8.61 5.71 10.82
N LYS A 409 8.27 6.94 11.24
CA LYS A 409 7.16 7.76 10.70
C LYS A 409 7.29 8.04 9.18
N PRO A 410 8.46 8.44 8.58
CA PRO A 410 8.45 8.70 7.12
C PRO A 410 8.24 7.43 6.29
N THR A 411 8.73 6.28 6.78
CA THR A 411 8.64 4.96 6.13
C THR A 411 7.18 4.48 6.06
N VAL A 412 6.50 4.36 7.22
CA VAL A 412 5.13 3.85 7.35
C VAL A 412 4.16 4.72 6.47
N ILE A 413 4.43 6.03 6.30
CA ILE A 413 3.63 6.94 5.48
C ILE A 413 3.84 6.60 3.98
N LEU A 414 5.11 6.50 3.53
CA LEU A 414 5.48 6.21 2.14
C LEU A 414 4.88 4.88 1.64
N ILE A 415 4.93 3.80 2.45
CA ILE A 415 4.42 2.47 2.07
C ILE A 415 2.87 2.51 2.01
N LEU A 416 2.19 3.09 3.02
CA LEU A 416 0.72 3.18 3.04
C LEU A 416 0.19 4.03 1.88
N ALA A 417 0.85 5.20 1.62
CA ALA A 417 0.48 6.11 0.53
C ALA A 417 0.73 5.48 -0.85
N PHE A 418 1.67 4.50 -0.93
CA PHE A 418 1.97 3.78 -2.17
C PHE A 418 0.81 2.88 -2.55
N PHE A 419 0.31 2.07 -1.59
CA PHE A 419 -0.81 1.15 -1.81
C PHE A 419 -2.12 1.91 -1.93
N ALA A 420 -2.18 3.16 -1.42
CA ALA A 420 -3.34 4.05 -1.51
C ALA A 420 -3.61 4.47 -2.96
N CYS A 421 -2.53 4.57 -3.77
CA CYS A 421 -2.59 4.94 -5.18
C CYS A 421 -3.04 3.75 -6.03
N TRP A 422 -2.60 2.52 -5.66
CA TRP A 422 -2.91 1.29 -6.39
C TRP A 422 -4.26 0.64 -5.97
N LEU A 423 -4.72 0.88 -4.72
CA LEU A 423 -5.97 0.30 -4.19
C LEU A 423 -7.18 0.53 -5.14
N PRO A 424 -7.50 1.77 -5.66
CA PRO A 424 -8.68 1.89 -6.56
C PRO A 424 -8.47 1.22 -7.93
N TYR A 425 -7.21 0.98 -8.33
CA TYR A 425 -6.90 0.34 -9.61
C TYR A 425 -7.07 -1.20 -9.50
N TYR A 426 -6.65 -1.81 -8.37
CA TYR A 426 -6.78 -3.26 -8.16
C TYR A 426 -8.24 -3.65 -7.88
N ILE A 427 -9.11 -2.69 -7.50
CA ILE A 427 -10.54 -2.92 -7.28
C ILE A 427 -11.20 -3.13 -8.66
N GLY A 428 -10.81 -2.31 -9.64
CA GLY A 428 -11.29 -2.35 -11.02
C GLY A 428 -11.01 -3.66 -11.73
N ILE A 429 -9.79 -4.21 -11.55
CA ILE A 429 -9.34 -5.49 -12.13
C ILE A 429 -10.17 -6.63 -11.53
N SER A 430 -10.34 -6.65 -10.18
CA SER A 430 -11.09 -7.65 -9.42
C SER A 430 -12.52 -7.83 -9.94
N ILE A 431 -13.26 -6.71 -10.15
CA ILE A 431 -14.64 -6.73 -10.67
C ILE A 431 -14.62 -7.19 -12.13
N ASP A 432 -13.66 -6.68 -12.93
CA ASP A 432 -13.48 -7.01 -14.35
C ASP A 432 -13.16 -8.50 -14.55
N SER A 433 -12.48 -9.12 -13.57
CA SER A 433 -12.10 -10.54 -13.59
C SER A 433 -13.33 -11.44 -13.55
N PHE A 434 -14.36 -11.06 -12.75
CA PHE A 434 -15.61 -11.82 -12.61
C PHE A 434 -16.44 -11.80 -13.90
N ILE A 435 -16.29 -10.74 -14.73
CA ILE A 435 -16.98 -10.58 -16.01
C ILE A 435 -16.39 -11.62 -16.99
N LEU A 436 -15.07 -11.82 -16.93
CA LEU A 436 -14.34 -12.77 -17.78
C LEU A 436 -14.49 -14.21 -17.25
N LEU A 437 -14.65 -14.39 -15.91
CA LEU A 437 -14.82 -15.71 -15.28
C LEU A 437 -16.30 -16.17 -15.29
N GLU A 438 -17.18 -15.38 -15.96
CA GLU A 438 -18.62 -15.61 -16.18
C GLU A 438 -19.43 -15.72 -14.86
N ILE A 439 -18.94 -15.14 -13.76
CA ILE A 439 -19.67 -15.13 -12.47
C ILE A 439 -20.62 -13.91 -12.51
N ILE A 440 -20.13 -12.74 -12.96
CA ILE A 440 -20.94 -11.53 -13.12
C ILE A 440 -21.19 -11.37 -14.62
N LYS A 441 -22.46 -11.55 -15.04
CA LYS A 441 -22.84 -11.47 -16.45
C LYS A 441 -23.90 -10.37 -16.63
N GLN A 442 -23.43 -9.15 -16.97
CA GLN A 442 -24.30 -7.99 -17.21
C GLN A 442 -24.02 -7.39 -18.60
N GLY A 443 -24.77 -6.33 -18.93
CA GLY A 443 -24.71 -5.65 -20.22
C GLY A 443 -23.45 -4.93 -20.61
N CYS A 444 -23.54 -4.18 -21.73
CA CYS A 444 -22.49 -3.38 -22.36
C CYS A 444 -22.09 -2.20 -21.47
N GLU A 445 -23.07 -1.56 -20.80
CA GLU A 445 -22.87 -0.39 -19.96
C GLU A 445 -21.96 -0.72 -18.76
N PHE A 446 -22.25 -1.82 -18.03
CA PHE A 446 -21.47 -2.28 -16.86
C PHE A 446 -20.05 -2.70 -17.28
N GLU A 447 -19.94 -3.27 -18.50
CA GLU A 447 -18.70 -3.74 -19.12
C GLU A 447 -17.79 -2.53 -19.46
N ASN A 448 -18.40 -1.38 -19.81
CA ASN A 448 -17.68 -0.15 -20.14
C ASN A 448 -17.46 0.72 -18.90
N THR A 449 -18.28 0.53 -17.84
CA THR A 449 -18.16 1.28 -16.58
C THR A 449 -16.88 0.86 -15.85
N VAL A 450 -16.60 -0.47 -15.77
CA VAL A 450 -15.40 -1.02 -15.12
C VAL A 450 -14.15 -0.56 -15.90
N HIS A 451 -14.26 -0.40 -17.24
CA HIS A 451 -13.17 0.05 -18.09
C HIS A 451 -12.85 1.51 -17.79
N LYS A 452 -13.88 2.39 -17.74
CA LYS A 452 -13.72 3.81 -17.44
C LYS A 452 -13.06 3.99 -16.07
N TRP A 453 -13.40 3.10 -15.11
CA TRP A 453 -12.83 3.07 -13.76
C TRP A 453 -11.34 2.71 -13.82
N ILE A 454 -10.98 1.61 -14.51
CA ILE A 454 -9.60 1.12 -14.69
C ILE A 454 -8.75 2.19 -15.44
N SER A 455 -9.27 2.77 -16.53
CA SER A 455 -8.59 3.77 -17.37
C SER A 455 -8.17 5.02 -16.59
N ILE A 456 -9.01 5.50 -15.64
CA ILE A 456 -8.71 6.72 -14.88
C ILE A 456 -7.87 6.37 -13.61
N THR A 457 -8.13 5.21 -12.96
CA THR A 457 -7.41 4.80 -11.75
C THR A 457 -5.97 4.37 -12.10
N GLU A 458 -5.71 3.99 -13.37
CA GLU A 458 -4.36 3.64 -13.85
C GLU A 458 -3.50 4.90 -13.88
N ALA A 459 -4.06 5.99 -14.46
CA ALA A 459 -3.44 7.31 -14.60
C ALA A 459 -3.14 7.93 -13.23
N LEU A 460 -4.05 7.77 -12.27
CA LEU A 460 -3.93 8.29 -10.90
C LEU A 460 -2.99 7.42 -10.04
N ALA A 461 -2.85 6.11 -10.39
CA ALA A 461 -1.97 5.17 -9.68
C ALA A 461 -0.49 5.48 -9.90
N PHE A 462 -0.16 6.28 -10.94
CA PHE A 462 1.21 6.66 -11.28
C PHE A 462 1.67 7.89 -10.45
N PHE A 463 0.88 8.30 -9.43
CA PHE A 463 1.22 9.40 -8.53
C PHE A 463 2.29 8.94 -7.51
N HIS A 464 2.53 7.60 -7.42
CA HIS A 464 3.54 7.01 -6.53
C HIS A 464 4.97 7.46 -6.95
N CYS A 465 5.11 8.03 -8.17
CA CYS A 465 6.35 8.59 -8.71
C CYS A 465 6.62 9.94 -8.08
N CYS A 466 5.54 10.72 -7.85
CA CYS A 466 5.57 12.05 -7.25
C CYS A 466 5.57 11.96 -5.73
N LEU A 467 5.17 10.79 -5.18
CA LEU A 467 5.01 10.48 -3.76
C LEU A 467 6.30 10.65 -2.94
N ASN A 468 7.46 10.26 -3.53
CA ASN A 468 8.75 10.32 -2.86
C ASN A 468 9.22 11.80 -2.63
N PRO A 469 9.32 12.71 -3.65
CA PRO A 469 9.79 14.08 -3.35
C PRO A 469 8.78 14.92 -2.57
N ILE A 470 7.47 14.62 -2.67
CA ILE A 470 6.39 15.35 -1.96
C ILE A 470 6.46 15.01 -0.44
N LEU A 471 6.96 13.81 -0.07
CA LEU A 471 7.08 13.33 1.31
C LEU A 471 8.05 14.21 2.16
N TYR A 472 8.88 15.05 1.49
CA TYR A 472 9.83 15.96 2.14
C TYR A 472 9.13 17.18 2.77
N ALA A 473 7.90 17.50 2.31
CA ALA A 473 7.10 18.62 2.83
C ALA A 473 6.50 18.30 4.21
N LEU B 1 -1.23 0.44 -24.30
CA LEU B 1 -0.54 0.36 -23.02
C LEU B 1 -1.54 0.27 -21.86
N GLY B 2 -1.58 -0.90 -21.23
CA GLY B 2 -2.43 -1.20 -20.09
C GLY B 2 -3.93 -1.14 -20.35
N ALA B 3 -4.54 0.03 -20.06
CA ALA B 3 -5.97 0.30 -20.19
C ALA B 3 -6.46 0.27 -21.64
N SER B 4 -5.70 0.85 -22.60
CA SER B 4 -6.08 0.90 -24.02
C SER B 4 -6.11 -0.50 -24.67
N CYS B 5 -5.38 -1.45 -24.07
CA CYS B 5 -5.25 -2.85 -24.52
C CYS B 5 -6.43 -3.71 -24.05
N HIS B 6 -7.14 -3.28 -22.98
CA HIS B 6 -8.24 -3.99 -22.33
C HIS B 6 -9.47 -4.25 -23.23
N ARG B 7 -10.26 -3.22 -23.58
CA ARG B 7 -11.39 -3.39 -24.49
C ARG B 7 -11.39 -2.26 -25.55
N PRO B 8 -10.62 -2.40 -26.65
CA PRO B 8 -10.55 -1.31 -27.65
C PRO B 8 -11.45 -1.49 -28.88
N ASP B 9 -12.06 -2.69 -29.07
CA ASP B 9 -12.88 -2.98 -30.24
C ASP B 9 -14.33 -3.37 -29.87
N LYS B 10 -15.26 -3.14 -30.81
CA LYS B 10 -16.69 -3.46 -30.69
C LYS B 10 -16.90 -4.98 -30.67
N CYS B 11 -17.74 -5.47 -29.73
CA CYS B 11 -18.02 -6.90 -29.58
C CYS B 11 -19.53 -7.16 -29.55
N CYS B 12 -19.94 -8.40 -29.87
CA CYS B 12 -21.33 -8.84 -29.84
C CYS B 12 -21.58 -9.62 -28.55
N LEU B 13 -22.60 -9.18 -27.77
CA LEU B 13 -22.99 -9.82 -26.52
C LEU B 13 -24.23 -10.68 -26.74
N GLY B 14 -24.91 -10.43 -27.86
CA GLY B 14 -26.09 -11.15 -28.32
C GLY B 14 -26.23 -11.05 -29.83
N TYR B 15 -27.11 -11.85 -30.43
CA TYR B 15 -27.31 -11.86 -31.87
C TYR B 15 -28.77 -11.59 -32.25
N GLN B 16 -29.00 -11.09 -33.48
CA GLN B 16 -30.33 -10.78 -34.01
C GLN B 16 -31.08 -12.10 -34.28
N LYS B 17 -32.26 -12.26 -33.66
CA LYS B 17 -33.08 -13.46 -33.77
C LYS B 17 -33.84 -13.50 -35.10
N ARG B 18 -34.58 -12.42 -35.44
CA ARG B 18 -35.36 -12.33 -36.67
C ARG B 18 -34.47 -12.00 -37.88
N PRO B 19 -34.61 -12.73 -39.03
CA PRO B 19 -33.77 -12.45 -40.20
C PRO B 19 -34.01 -11.05 -40.78
N LEU B 20 -32.93 -10.40 -41.23
CA LEU B 20 -32.93 -9.03 -41.78
C LEU B 20 -33.14 -9.00 -43.31
N PRO B 21 -33.85 -7.98 -43.86
CA PRO B 21 -34.01 -7.91 -45.32
C PRO B 21 -32.78 -7.31 -45.99
N GLN B 22 -32.31 -7.96 -47.07
CA GLN B 22 -31.12 -7.60 -47.87
C GLN B 22 -31.19 -6.16 -48.43
N VAL B 23 -32.41 -5.67 -48.70
CA VAL B 23 -32.68 -4.34 -49.27
C VAL B 23 -32.29 -3.20 -48.28
N LEU B 24 -32.26 -3.47 -46.97
CA LEU B 24 -31.93 -2.49 -45.94
C LEU B 24 -30.43 -2.51 -45.56
N LEU B 25 -29.75 -3.65 -45.80
CA LEU B 25 -28.34 -3.86 -45.47
C LEU B 25 -27.40 -3.37 -46.59
N SER B 26 -26.22 -2.86 -46.22
CA SER B 26 -25.24 -2.31 -47.17
C SER B 26 -23.92 -3.11 -47.18
N SER B 27 -23.36 -3.45 -46.00
CA SER B 27 -22.09 -4.17 -45.87
C SER B 27 -22.09 -5.13 -44.66
N TRP B 28 -20.95 -5.82 -44.43
CA TRP B 28 -20.74 -6.73 -43.29
C TRP B 28 -19.24 -6.82 -42.97
N TYR B 29 -18.90 -7.10 -41.69
CA TYR B 29 -17.51 -7.27 -41.25
C TYR B 29 -17.50 -8.13 -39.97
N PRO B 30 -16.48 -9.01 -39.75
CA PRO B 30 -16.52 -9.86 -38.54
C PRO B 30 -15.97 -9.14 -37.30
N THR B 31 -16.27 -9.71 -36.12
CA THR B 31 -15.82 -9.21 -34.82
C THR B 31 -14.34 -9.53 -34.63
N SER B 32 -13.64 -8.73 -33.80
CA SER B 32 -12.22 -8.88 -33.49
C SER B 32 -11.96 -10.20 -32.73
N GLN B 33 -10.72 -10.74 -32.86
CA GLN B 33 -10.28 -11.97 -32.18
C GLN B 33 -10.23 -11.76 -30.66
N LEU B 34 -10.22 -10.49 -30.22
CA LEU B 34 -10.18 -10.05 -28.83
C LEU B 34 -11.53 -10.28 -28.13
N CYS B 35 -12.64 -10.31 -28.91
CA CYS B 35 -14.01 -10.49 -28.41
C CYS B 35 -14.23 -11.92 -27.91
N SER B 36 -15.04 -12.06 -26.84
CA SER B 36 -15.40 -13.32 -26.20
C SER B 36 -16.32 -14.15 -27.10
N LYS B 37 -17.29 -13.50 -27.77
CA LYS B 37 -18.25 -14.16 -28.66
C LYS B 37 -17.95 -13.84 -30.14
N PRO B 38 -17.85 -14.89 -31.01
CA PRO B 38 -17.59 -14.61 -32.44
C PRO B 38 -18.88 -14.26 -33.19
N GLY B 39 -18.74 -13.53 -34.28
CA GLY B 39 -19.87 -13.12 -35.11
C GLY B 39 -19.53 -12.05 -36.14
N VAL B 40 -20.58 -11.56 -36.83
CA VAL B 40 -20.46 -10.52 -37.85
C VAL B 40 -21.38 -9.34 -37.51
N ILE B 41 -20.97 -8.14 -37.93
CA ILE B 41 -21.70 -6.91 -37.70
C ILE B 41 -22.17 -6.37 -39.07
N PHE B 42 -23.50 -6.45 -39.32
CA PHE B 42 -24.11 -6.00 -40.56
C PHE B 42 -24.35 -4.49 -40.53
N LEU B 43 -23.73 -3.77 -41.48
CA LEU B 43 -23.87 -2.33 -41.62
C LEU B 43 -25.02 -2.04 -42.59
N THR B 44 -26.10 -1.43 -42.08
CA THR B 44 -27.29 -1.10 -42.89
C THR B 44 -27.04 0.18 -43.70
N LYS B 45 -27.88 0.41 -44.74
CA LYS B 45 -27.84 1.62 -45.58
C LYS B 45 -28.21 2.86 -44.74
N ARG B 46 -28.99 2.62 -43.67
CA ARG B 46 -29.46 3.57 -42.66
C ARG B 46 -28.31 4.16 -41.84
N GLY B 47 -27.24 3.37 -41.68
CA GLY B 47 -26.05 3.73 -40.94
C GLY B 47 -25.80 2.87 -39.72
N ARG B 48 -26.89 2.36 -39.10
CA ARG B 48 -26.86 1.53 -37.89
C ARG B 48 -26.25 0.14 -38.18
N GLN B 49 -25.65 -0.45 -37.14
CA GLN B 49 -24.93 -1.73 -37.15
C GLN B 49 -25.67 -2.79 -36.33
N VAL B 50 -25.78 -4.03 -36.86
CA VAL B 50 -26.52 -5.13 -36.22
C VAL B 50 -25.65 -6.40 -36.11
N CYS B 51 -25.62 -7.02 -34.92
CA CYS B 51 -24.91 -8.28 -34.64
C CYS B 51 -25.68 -9.46 -35.20
N ALA B 52 -24.97 -10.56 -35.53
CA ALA B 52 -25.53 -11.80 -36.06
C ALA B 52 -24.57 -12.98 -35.90
N ASP B 53 -25.12 -14.19 -35.66
CA ASP B 53 -24.35 -15.42 -35.51
C ASP B 53 -23.96 -15.96 -36.89
N LYS B 54 -22.67 -16.23 -37.11
CA LYS B 54 -22.12 -16.74 -38.38
C LYS B 54 -22.61 -18.16 -38.71
N SER B 55 -23.01 -18.94 -37.68
CA SER B 55 -23.49 -20.32 -37.82
C SER B 55 -24.91 -20.38 -38.43
N LYS B 56 -25.70 -19.30 -38.30
CA LYS B 56 -27.08 -19.21 -38.82
C LYS B 56 -27.09 -19.26 -40.35
N ASP B 57 -28.08 -19.97 -40.91
CA ASP B 57 -28.27 -20.20 -42.34
C ASP B 57 -28.62 -18.91 -43.10
N TRP B 58 -29.48 -18.04 -42.54
CA TRP B 58 -29.90 -16.80 -43.19
C TRP B 58 -28.77 -15.75 -43.19
N VAL B 59 -27.84 -15.84 -42.21
CA VAL B 59 -26.70 -14.93 -42.09
C VAL B 59 -25.66 -15.27 -43.17
N LYS B 60 -25.38 -16.59 -43.37
CA LYS B 60 -24.44 -17.10 -44.37
C LYS B 60 -24.85 -16.68 -45.79
N LYS B 61 -26.17 -16.57 -46.04
CA LYS B 61 -26.75 -16.14 -47.31
C LYS B 61 -26.50 -14.64 -47.53
N LEU B 62 -26.69 -13.82 -46.46
CA LEU B 62 -26.51 -12.36 -46.51
C LEU B 62 -25.05 -11.97 -46.71
N MET B 63 -24.11 -12.78 -46.18
CA MET B 63 -22.67 -12.52 -46.35
C MET B 63 -22.28 -12.71 -47.83
N GLN B 64 -22.93 -13.66 -48.52
CA GLN B 64 -22.70 -13.94 -49.92
C GLN B 64 -23.21 -12.78 -50.79
N GLN B 65 -24.42 -12.27 -50.48
CA GLN B 65 -25.08 -11.20 -51.21
C GLN B 65 -24.46 -9.81 -50.98
N LEU B 66 -23.85 -9.58 -49.79
CA LEU B 66 -23.30 -8.27 -49.42
C LEU B 66 -21.75 -8.23 -49.43
N PRO B 67 -21.14 -7.04 -49.68
CA PRO B 67 -19.67 -6.96 -49.65
C PRO B 67 -19.12 -6.66 -48.26
N VAL B 68 -17.78 -6.73 -48.10
CA VAL B 68 -17.11 -6.40 -46.84
C VAL B 68 -16.93 -4.87 -46.80
N THR B 69 -17.13 -4.26 -45.62
CA THR B 69 -17.02 -2.80 -45.37
C THR B 69 -15.60 -2.31 -45.72
N ALA B 70 -15.51 -1.15 -46.39
CA ALA B 70 -14.25 -0.52 -46.81
C ALA B 70 -13.48 0.05 -45.61
#